data_5DFH
#
_entry.id   5DFH
#
_cell.length_a   44.434
_cell.length_b   61.603
_cell.length_c   72.277
_cell.angle_alpha   83.86
_cell.angle_beta   78.76
_cell.angle_gamma   88.19
#
_symmetry.space_group_name_H-M   'P 1'
#
loop_
_entity.id
_entity.type
_entity.pdbx_description
1 polymer 'DNA-(apurinic or apyrimidinic site) lyase'
2 polymer "DNA (5'-D(P*(3DR)P*CP*GP*AP*CP*GP*GP*AP*TP*CP*C)-3')"
3 polymer "DNA (5'-D(*GP*GP*AP*TP*CP*CP*GP*TP*CP*GP*GP*GP*CP*GP*CP*AP*TP*CP*AP*GP*C)-3')"
4 polymer "DNA (5'-D(*GP*CP*TP*GP*AP*TP*GP*CP*GP*T)-3')"
5 non-polymer 1,2-ETHANEDIOL
6 non-polymer 'MAGNESIUM ION'
7 water water
#
loop_
_entity_poly.entity_id
_entity_poly.type
_entity_poly.pdbx_seq_one_letter_code
_entity_poly.pdbx_strand_id
1 'polypeptide(L)'
;ALYEDPPDQKTSPSGKPATLKICSWNVDGLRAWIKKKGLDWVKEEAPDILCLQETKCSENKLPAELQELPGLSHQYWSAP
SDKEGYSGVGLLSRQCPLKVSYGIGDEEHDQEGRVIVAEFDSFVLVTAYVPNAGRGLVRLEYRQRWDEAFRKFLKGLASR
KPLVLCGDLNVAHEEIDLRNPKGNKKNAGFTPQERQGFGELLQAVPLADSFRHLYPNTPYAYTFWTYMMNARSKNVGWRL
DYFLLSHSLLPALCDSKIRSKALGSDHCPITLYLAL
;
A,B
2 'polydeoxyribonucleotide' (3DR)(DC)(DG)(DA)(DC)(DG)(DG)(DA)(DT)(DC)(DC) D
3 'polydeoxyribonucleotide'
;(DG)(DG)(DA)(DT)(DC)(DC)(DG)(DT)(DC)(DG)(DG)(DG)(DC)(DG)(DC)(DA)(DT)(DC)(DA)(DG)
(DC)
;
V
4 'polydeoxyribonucleotide' (DG)(DC)(DT)(DG)(DA)(DT)(DG)(DC)(DG)(DT) C
#
loop_
_chem_comp.id
_chem_comp.type
_chem_comp.name
_chem_comp.formula
3DR DNA linking 1',2'-DIDEOXYRIBOFURANOSE-5'-PHOSPHATE 'C5 H11 O6 P'
DA DNA linking 2'-DEOXYADENOSINE-5'-MONOPHOSPHATE 'C10 H14 N5 O6 P'
DC DNA linking 2'-DEOXYCYTIDINE-5'-MONOPHOSPHATE 'C9 H14 N3 O7 P'
DG DNA linking 2'-DEOXYGUANOSINE-5'-MONOPHOSPHATE 'C10 H14 N5 O7 P'
DT DNA linking THYMIDINE-5'-MONOPHOSPHATE 'C10 H15 N2 O8 P'
EDO non-polymer 1,2-ETHANEDIOL 'C2 H6 O2'
MG non-polymer 'MAGNESIUM ION' 'Mg 2'
#
# COMPACT_ATOMS: atom_id res chain seq x y z
N ALA A 1 6.31 7.66 42.90
CA ALA A 1 5.95 8.28 41.65
C ALA A 1 6.73 7.68 40.49
N LEU A 2 7.88 7.07 40.79
CA LEU A 2 8.60 6.30 39.79
C LEU A 2 7.92 4.94 39.60
N TYR A 3 8.19 4.29 38.47
CA TYR A 3 7.51 3.04 38.14
C TYR A 3 8.47 1.95 37.66
N GLU A 4 8.28 0.74 38.18
CA GLU A 4 9.03 -0.44 37.72
C GLU A 4 8.04 -1.49 37.25
N ASP A 5 8.01 -1.71 35.92
CA ASP A 5 7.16 -2.71 35.32
C ASP A 5 7.52 -4.05 35.96
N PRO A 6 6.51 -4.85 36.34
CA PRO A 6 6.79 -6.17 36.90
C PRO A 6 7.46 -7.11 35.88
N PRO A 7 8.03 -8.23 36.36
CA PRO A 7 8.68 -9.18 35.45
C PRO A 7 7.73 -9.70 34.40
N ASP A 8 8.25 -10.12 33.26
CA ASP A 8 7.43 -10.70 32.20
C ASP A 8 6.76 -11.99 32.64
N GLN A 9 5.44 -12.04 32.54
CA GLN A 9 4.70 -13.26 32.78
C GLN A 9 4.47 -13.92 31.42
N LYS A 10 5.08 -15.09 31.19
CA LYS A 10 5.05 -15.68 29.84
C LYS A 10 4.16 -16.91 29.80
N THR A 11 3.34 -17.05 30.83
CA THR A 11 2.41 -18.15 30.95
C THR A 11 1.01 -17.60 31.15
N SER A 12 0.01 -18.20 30.51
CA SER A 12 -1.37 -17.74 30.64
C SER A 12 -1.92 -18.14 32.01
N PRO A 13 -3.08 -17.57 32.42
CA PRO A 13 -3.57 -17.92 33.75
C PRO A 13 -3.80 -19.42 33.94
N SER A 14 -4.04 -20.16 32.87
CA SER A 14 -4.29 -21.60 32.98
C SER A 14 -3.02 -22.44 32.75
N GLY A 15 -1.89 -21.78 32.55
CA GLY A 15 -0.63 -22.51 32.50
C GLY A 15 -0.07 -22.72 31.09
N LYS A 16 -0.68 -22.10 30.09
CA LYS A 16 -0.19 -22.26 28.71
C LYS A 16 0.93 -21.28 28.39
N PRO A 17 2.01 -21.76 27.73
CA PRO A 17 3.14 -20.91 27.39
C PRO A 17 2.82 -19.90 26.28
N ALA A 18 3.33 -18.68 26.40
CA ALA A 18 3.20 -17.69 25.33
C ALA A 18 3.84 -18.21 24.04
N THR A 19 3.19 -17.95 22.91
CA THR A 19 3.70 -18.35 21.59
C THR A 19 3.86 -17.15 20.65
N LEU A 20 3.41 -15.99 21.11
CA LEU A 20 3.36 -14.81 20.24
C LEU A 20 3.73 -13.58 21.03
N LYS A 21 4.73 -12.86 20.55
CA LYS A 21 5.18 -11.64 21.22
C LYS A 21 5.00 -10.45 20.29
N ILE A 22 4.20 -9.47 20.70
CA ILE A 22 3.97 -8.30 19.83
C ILE A 22 4.47 -7.05 20.52
N CYS A 23 5.19 -6.22 19.78
CA CYS A 23 5.72 -5.00 20.34
C CYS A 23 5.18 -3.82 19.54
N SER A 24 4.73 -2.78 20.26
CA SER A 24 4.21 -1.57 19.61
C SER A 24 4.98 -0.37 20.10
N TRP A 25 5.29 0.55 19.18
CA TRP A 25 6.14 1.68 19.56
C TRP A 25 5.86 2.92 18.72
N ASN A 26 5.47 4.01 19.37
CA ASN A 26 5.46 5.33 18.71
C ASN A 26 6.88 5.88 18.75
N VAL A 27 7.54 5.90 17.59
CA VAL A 27 8.98 6.14 17.55
C VAL A 27 9.34 7.62 17.36
N ASP A 28 8.32 8.45 17.17
CA ASP A 28 8.52 9.89 17.02
C ASP A 28 9.62 10.24 15.99
N GLY A 29 9.45 9.77 14.77
CA GLY A 29 10.44 10.00 13.74
C GLY A 29 11.34 8.80 13.59
N LEU A 30 11.03 7.99 12.60
CA LEU A 30 11.69 6.70 12.43
C LEU A 30 13.19 6.85 12.18
N ARG A 31 13.55 7.82 11.33
CA ARG A 31 14.95 8.02 11.00
C ARG A 31 15.74 8.49 12.22
N ALA A 32 15.13 9.37 13.00
CA ALA A 32 15.74 9.82 14.25
C ALA A 32 15.87 8.67 15.24
N TRP A 33 14.80 7.91 15.36
CA TRP A 33 14.75 6.79 16.28
C TRP A 33 15.85 5.75 15.98
N ILE A 34 16.11 5.50 14.71
CA ILE A 34 17.16 4.55 14.35
C ILE A 34 18.54 5.11 14.74
N LYS A 35 18.77 6.40 14.51
CA LYS A 35 20.02 7.03 14.93
C LYS A 35 20.21 6.97 16.44
N LYS A 36 19.13 6.95 17.20
CA LYS A 36 19.22 6.85 18.65
C LYS A 36 19.17 5.40 19.12
N LYS A 37 19.43 4.47 18.19
CA LYS A 37 19.62 3.05 18.51
C LYS A 37 18.36 2.28 18.85
N GLY A 38 17.21 2.76 18.37
CA GLY A 38 15.93 2.11 18.61
C GLY A 38 15.89 0.68 18.12
N LEU A 39 16.51 0.43 16.96
CA LEU A 39 16.53 -0.92 16.39
C LEU A 39 17.40 -1.89 17.19
N ASP A 40 18.42 -1.37 17.87
CA ASP A 40 19.21 -2.22 18.75
C ASP A 40 18.30 -2.74 19.86
N TRP A 41 17.41 -1.89 20.36
CA TRP A 41 16.49 -2.33 21.40
C TRP A 41 15.47 -3.35 20.86
N VAL A 42 14.96 -3.13 19.64
CA VAL A 42 14.04 -4.07 19.02
C VAL A 42 14.69 -5.46 18.88
N LYS A 43 15.95 -5.50 18.47
CA LYS A 43 16.66 -6.76 18.32
C LYS A 43 16.74 -7.51 19.66
N GLU A 44 16.92 -6.76 20.75
CA GLU A 44 16.99 -7.35 22.09
C GLU A 44 15.62 -7.87 22.51
N GLU A 45 14.57 -7.14 22.16
CA GLU A 45 13.22 -7.57 22.50
C GLU A 45 12.76 -8.78 21.68
N ALA A 46 13.25 -8.89 20.46
CA ALA A 46 12.98 -10.02 19.56
C ALA A 46 11.48 -10.35 19.40
N PRO A 47 10.66 -9.35 19.06
CA PRO A 47 9.23 -9.65 18.95
C PRO A 47 8.93 -10.43 17.67
N ASP A 48 7.84 -11.18 17.66
CA ASP A 48 7.31 -11.77 16.42
C ASP A 48 6.70 -10.74 15.47
N ILE A 49 6.13 -9.71 16.05
CA ILE A 49 5.50 -8.63 15.26
C ILE A 49 5.85 -7.31 15.89
N LEU A 50 6.16 -6.32 15.03
CA LEU A 50 6.52 -5.00 15.51
C LEU A 50 5.67 -3.98 14.79
N CYS A 51 4.96 -3.17 15.57
CA CYS A 51 4.12 -2.10 15.02
C CYS A 51 4.69 -0.77 15.42
N LEU A 52 4.83 0.15 14.45
CA LEU A 52 5.46 1.45 14.72
C LEU A 52 4.52 2.59 14.35
N GLN A 53 4.50 3.65 15.15
CA GLN A 53 3.69 4.81 14.80
C GLN A 53 4.53 6.09 14.77
N GLU A 54 4.02 7.10 14.06
CA GLU A 54 4.77 8.34 13.83
C GLU A 54 6.13 8.04 13.20
N THR A 55 6.12 7.25 12.14
CA THR A 55 7.35 6.99 11.43
C THR A 55 7.87 8.28 10.77
N LYS A 56 6.95 9.17 10.39
CA LYS A 56 7.31 10.42 9.72
C LYS A 56 8.25 10.17 8.55
N CYS A 57 7.94 9.14 7.76
CA CYS A 57 8.91 8.66 6.79
C CYS A 57 8.21 7.89 5.68
N SER A 58 8.32 8.38 4.44
CA SER A 58 7.81 7.61 3.31
C SER A 58 8.70 6.39 3.05
N GLU A 59 8.17 5.38 2.37
CA GLU A 59 8.84 4.10 2.30
C GLU A 59 10.19 4.20 1.57
N ASN A 60 10.28 5.10 0.61
CA ASN A 60 11.53 5.30 -0.11
C ASN A 60 12.66 5.84 0.77
N LYS A 61 12.32 6.40 1.93
CA LYS A 61 13.33 7.01 2.82
C LYS A 61 13.69 6.14 4.01
N LEU A 62 13.15 4.93 4.06
CA LEU A 62 13.51 3.97 5.10
C LEU A 62 15.00 3.70 5.13
N PRO A 63 15.62 3.86 6.30
CA PRO A 63 17.04 3.52 6.49
C PRO A 63 17.34 2.06 6.16
N ALA A 64 18.52 1.81 5.61
CA ALA A 64 18.91 0.47 5.16
C ALA A 64 18.91 -0.58 6.27
N GLU A 65 19.20 -0.16 7.50
CA GLU A 65 19.23 -1.08 8.66
C GLU A 65 17.93 -1.89 8.77
N LEU A 66 16.83 -1.33 8.26
CA LEU A 66 15.54 -2.01 8.29
C LEU A 66 15.50 -3.17 7.32
N GLN A 67 16.37 -3.16 6.32
CA GLN A 67 16.53 -4.30 5.42
C GLN A 67 17.29 -5.43 6.11
N GLU A 68 18.06 -5.08 7.14
CA GLU A 68 18.87 -6.06 7.85
C GLU A 68 18.14 -6.59 9.09
N LEU A 69 16.92 -7.07 8.89
CA LEU A 69 16.14 -7.66 9.98
C LEU A 69 15.52 -8.98 9.51
N PRO A 70 16.32 -10.06 9.53
CA PRO A 70 15.86 -11.40 9.11
C PRO A 70 14.63 -11.91 9.87
N GLY A 71 14.49 -11.57 11.15
CA GLY A 71 13.40 -12.07 11.97
C GLY A 71 12.13 -11.24 11.84
N LEU A 72 12.22 -10.13 11.10
CA LEU A 72 11.08 -9.26 10.85
C LEU A 72 11.03 -8.88 9.37
N SER A 73 11.04 -9.90 8.51
CA SER A 73 11.30 -9.68 7.07
C SER A 73 10.06 -9.25 6.28
N HIS A 74 8.87 -9.41 6.84
CA HIS A 74 7.66 -9.01 6.15
C HIS A 74 7.24 -7.65 6.68
N GLN A 75 7.40 -6.62 5.87
CA GLN A 75 7.24 -5.26 6.37
C GLN A 75 6.27 -4.47 5.51
N TYR A 76 5.38 -3.73 6.17
CA TYR A 76 4.32 -3.02 5.52
C TYR A 76 4.34 -1.58 6.03
N TRP A 77 4.28 -0.63 5.10
CA TRP A 77 4.47 0.76 5.47
C TRP A 77 3.37 1.62 4.90
N SER A 78 2.98 2.64 5.65
CA SER A 78 2.00 3.58 5.16
C SER A 78 2.41 4.99 5.59
N ALA A 79 2.40 5.93 4.65
CA ALA A 79 2.63 7.33 5.00
C ALA A 79 1.59 8.20 4.32
N PRO A 80 1.24 9.34 4.93
CA PRO A 80 0.23 10.20 4.31
C PRO A 80 0.77 10.83 3.02
N SER A 81 -0.12 11.08 2.07
CA SER A 81 0.26 11.69 0.81
C SER A 81 0.52 13.20 0.95
N ASP A 82 -0.39 13.91 1.58
CA ASP A 82 -0.34 15.37 1.58
C ASP A 82 0.26 15.94 2.86
N LYS A 83 0.88 15.08 3.66
CA LYS A 83 1.40 15.49 4.95
C LYS A 83 2.60 14.63 5.35
N GLU A 84 3.52 14.39 4.40
CA GLU A 84 4.73 13.65 4.69
C GLU A 84 5.56 14.41 5.72
N GLY A 85 6.21 13.67 6.61
CA GLY A 85 6.90 14.27 7.72
C GLY A 85 6.06 14.20 8.99
N TYR A 86 4.78 13.84 8.81
CA TYR A 86 3.87 13.60 9.94
C TYR A 86 3.24 12.21 9.80
N SER A 87 2.62 11.74 10.87
CA SER A 87 1.98 10.43 10.87
C SER A 87 2.91 9.34 10.34
N GLY A 88 2.32 8.35 9.67
CA GLY A 88 3.05 7.22 9.14
C GLY A 88 3.06 6.08 10.14
N VAL A 89 2.71 4.87 9.68
CA VAL A 89 2.75 3.68 10.53
C VAL A 89 3.44 2.55 9.78
N GLY A 90 3.87 1.54 10.53
CA GLY A 90 4.54 0.39 9.92
C GLY A 90 4.16 -0.86 10.69
N LEU A 91 4.20 -2.00 10.00
CA LEU A 91 3.99 -3.29 10.65
C LEU A 91 5.05 -4.23 10.12
N LEU A 92 5.81 -4.86 11.01
CA LEU A 92 6.90 -5.75 10.60
C LEU A 92 6.65 -7.08 11.28
N SER A 93 6.75 -8.17 10.54
CA SER A 93 6.30 -9.47 11.03
C SER A 93 7.27 -10.59 10.65
N ARG A 94 7.52 -11.47 11.61
CA ARG A 94 8.31 -12.68 11.34
C ARG A 94 7.68 -13.55 10.24
N GLN A 95 6.40 -13.86 10.42
CA GLN A 95 5.65 -14.63 9.42
C GLN A 95 4.80 -13.73 8.52
N CYS A 96 4.55 -14.18 7.30
CA CYS A 96 3.77 -13.41 6.35
C CYS A 96 2.29 -13.40 6.72
N PRO A 97 1.67 -12.22 6.81
CA PRO A 97 0.22 -12.19 7.06
C PRO A 97 -0.57 -12.76 5.89
N LEU A 98 -1.80 -13.19 6.15
CA LEU A 98 -2.68 -13.65 5.09
C LEU A 98 -3.17 -12.50 4.26
N LYS A 99 -3.48 -11.40 4.94
CA LYS A 99 -4.02 -10.21 4.28
C LYS A 99 -3.46 -8.97 4.95
N VAL A 100 -3.15 -7.94 4.16
CA VAL A 100 -2.80 -6.63 4.71
C VAL A 100 -3.65 -5.56 4.03
N SER A 101 -4.18 -4.60 4.79
CA SER A 101 -4.89 -3.48 4.21
C SER A 101 -4.58 -2.19 4.96
N TYR A 102 -4.93 -1.04 4.36
CA TYR A 102 -4.55 0.26 4.90
C TYR A 102 -5.75 1.19 5.07
N GLY A 103 -5.76 1.93 6.17
CA GLY A 103 -6.79 2.93 6.40
C GLY A 103 -8.05 2.34 6.98
N ILE A 104 -9.10 3.14 7.06
CA ILE A 104 -10.31 2.68 7.71
C ILE A 104 -11.53 2.72 6.80
N GLY A 105 -11.29 2.66 5.50
CA GLY A 105 -12.39 2.62 4.53
C GLY A 105 -12.10 3.28 3.19
N ASP A 106 -11.43 4.43 3.19
CA ASP A 106 -11.25 5.16 1.94
C ASP A 106 -9.79 5.60 1.70
N GLU A 107 -8.85 4.81 2.20
CA GLU A 107 -7.44 5.17 2.12
C GLU A 107 -6.97 5.46 0.68
N GLU A 108 -7.63 4.87 -0.32
CA GLU A 108 -7.18 5.07 -1.71
C GLU A 108 -7.47 6.50 -2.17
N HIS A 109 -8.40 7.19 -1.50
CA HIS A 109 -8.65 8.61 -1.75
C HIS A 109 -8.15 9.47 -0.60
N ASP A 110 -8.39 9.02 0.64
CA ASP A 110 -7.97 9.75 1.83
C ASP A 110 -6.74 9.07 2.43
N GLN A 111 -5.62 9.18 1.73
CA GLN A 111 -4.36 8.51 2.03
C GLN A 111 -3.69 9.06 3.30
N GLU A 112 -4.12 8.58 4.47
CA GLU A 112 -3.74 9.20 5.76
C GLU A 112 -2.55 8.56 6.52
N GLY A 113 -2.18 7.33 6.16
CA GLY A 113 -1.07 6.65 6.82
C GLY A 113 -1.17 6.58 8.34
N ARG A 114 -2.35 6.23 8.83
CA ARG A 114 -2.56 6.07 10.28
C ARG A 114 -2.91 4.63 10.73
N VAL A 115 -3.39 3.80 9.81
CA VAL A 115 -3.90 2.49 10.21
C VAL A 115 -3.44 1.37 9.28
N ILE A 116 -2.94 0.28 9.85
CA ILE A 116 -2.66 -0.93 9.07
C ILE A 116 -3.42 -2.09 9.69
N VAL A 117 -4.03 -2.90 8.84
CA VAL A 117 -4.77 -4.09 9.27
C VAL A 117 -4.08 -5.32 8.69
N ALA A 118 -3.76 -6.29 9.53
CA ALA A 118 -3.11 -7.50 9.05
C ALA A 118 -3.83 -8.72 9.60
N GLU A 119 -4.28 -9.60 8.71
CA GLU A 119 -4.95 -10.80 9.17
C GLU A 119 -3.94 -11.95 9.20
N PHE A 120 -3.87 -12.61 10.36
CA PHE A 120 -3.05 -13.81 10.54
C PHE A 120 -3.95 -15.04 10.69
N ASP A 121 -3.35 -16.19 11.02
CA ASP A 121 -4.12 -17.43 11.12
C ASP A 121 -5.19 -17.39 12.18
N SER A 122 -4.86 -16.93 13.38
CA SER A 122 -5.75 -17.02 14.52
C SER A 122 -6.38 -15.69 14.94
N PHE A 123 -5.90 -14.58 14.38
CA PHE A 123 -6.40 -13.29 14.83
C PHE A 123 -6.16 -12.23 13.78
N VAL A 124 -6.84 -11.10 13.93
CA VAL A 124 -6.61 -9.92 13.10
C VAL A 124 -5.90 -8.87 13.95
N LEU A 125 -4.87 -8.24 13.39
CA LEU A 125 -4.13 -7.21 14.11
C LEU A 125 -4.39 -5.86 13.45
N VAL A 126 -4.75 -4.87 14.25
CA VAL A 126 -4.86 -3.50 13.75
C VAL A 126 -3.87 -2.67 14.52
N THR A 127 -3.07 -1.88 13.82
CA THR A 127 -2.26 -0.90 14.54
C THR A 127 -2.69 0.48 14.06
N ALA A 128 -2.69 1.45 14.97
CA ALA A 128 -3.26 2.74 14.70
C ALA A 128 -2.44 3.86 15.33
N TYR A 129 -2.36 4.98 14.62
CA TYR A 129 -1.85 6.22 15.16
C TYR A 129 -3.03 7.20 15.12
N VAL A 130 -3.70 7.37 16.25
CA VAL A 130 -4.96 8.11 16.31
C VAL A 130 -4.70 9.62 16.24
N PRO A 131 -5.48 10.36 15.43
CA PRO A 131 -5.28 11.80 15.28
C PRO A 131 -5.31 12.57 16.58
N ASN A 132 -4.35 13.46 16.74
CA ASN A 132 -4.25 14.30 17.92
C ASN A 132 -5.29 15.44 17.90
N ALA A 133 -5.86 15.78 19.06
CA ALA A 133 -6.83 16.89 19.13
C ALA A 133 -6.16 18.26 18.98
N GLY A 134 -4.84 18.29 19.14
CA GLY A 134 -4.06 19.49 18.88
C GLY A 134 -4.01 20.46 20.05
N ARG A 135 -2.99 21.31 20.04
CA ARG A 135 -2.92 22.45 20.94
C ARG A 135 -4.21 23.26 20.91
N GLY A 136 -4.70 23.59 22.10
CA GLY A 136 -5.93 24.36 22.26
C GLY A 136 -7.15 23.64 21.75
N LEU A 137 -7.03 22.34 21.53
CA LEU A 137 -8.15 21.50 21.08
C LEU A 137 -8.69 21.88 19.70
N VAL A 138 -7.86 22.52 18.89
CA VAL A 138 -8.31 23.04 17.60
C VAL A 138 -8.80 21.93 16.66
N ARG A 139 -8.37 20.68 16.88
CA ARG A 139 -8.82 19.58 16.01
C ARG A 139 -9.60 18.52 16.78
N LEU A 140 -10.17 18.91 17.91
CA LEU A 140 -10.91 17.98 18.76
C LEU A 140 -12.14 17.43 18.03
N GLU A 141 -12.89 18.28 17.34
CA GLU A 141 -14.11 17.78 16.67
C GLU A 141 -13.77 16.79 15.57
N TYR A 142 -12.67 17.04 14.86
CA TYR A 142 -12.20 16.09 13.86
C TYR A 142 -11.84 14.75 14.52
N ARG A 143 -11.17 14.82 15.66
CA ARG A 143 -10.82 13.62 16.41
C ARG A 143 -12.09 12.86 16.80
N GLN A 144 -13.13 13.59 17.21
CA GLN A 144 -14.37 12.91 17.61
C GLN A 144 -15.03 12.20 16.44
N ARG A 145 -15.06 12.86 15.30
CA ARG A 145 -15.60 12.25 14.09
C ARG A 145 -14.75 11.06 13.64
N TRP A 146 -13.43 11.22 13.74
CA TRP A 146 -12.52 10.10 13.42
C TRP A 146 -12.79 8.89 14.34
N ASP A 147 -12.93 9.12 15.66
CA ASP A 147 -13.19 8.04 16.62
C ASP A 147 -14.42 7.27 16.21
N GLU A 148 -15.48 7.99 15.83
CA GLU A 148 -16.72 7.36 15.42
C GLU A 148 -16.52 6.48 14.19
N ALA A 149 -15.85 7.01 13.17
CA ALA A 149 -15.58 6.24 11.95
C ALA A 149 -14.69 5.02 12.24
N PHE A 150 -13.74 5.16 13.15
CA PHE A 150 -12.83 4.06 13.50
C PHE A 150 -13.57 2.95 14.22
N ARG A 151 -14.41 3.35 15.19
CA ARG A 151 -15.28 2.43 15.94
C ARG A 151 -16.11 1.59 14.97
N LYS A 152 -16.77 2.27 14.03
CA LYS A 152 -17.63 1.58 13.08
C LYS A 152 -16.82 0.68 12.15
N PHE A 153 -15.64 1.13 11.75
CA PHE A 153 -14.75 0.33 10.92
C PHE A 153 -14.35 -0.97 11.64
N LEU A 154 -13.98 -0.88 12.91
CA LEU A 154 -13.54 -2.06 13.66
C LEU A 154 -14.69 -3.03 13.89
N LYS A 155 -15.87 -2.48 14.14
CA LYS A 155 -17.06 -3.29 14.31
C LYS A 155 -17.41 -3.97 12.97
N GLY A 156 -17.20 -3.26 11.86
CA GLY A 156 -17.58 -3.77 10.56
C GLY A 156 -16.62 -4.73 9.87
N LEU A 157 -15.67 -5.28 10.61
CA LEU A 157 -14.73 -6.23 10.04
C LEU A 157 -15.40 -7.57 9.76
N ALA A 158 -15.25 -8.08 8.53
CA ALA A 158 -15.81 -9.38 8.15
C ALA A 158 -15.14 -10.52 8.91
N ARG A 160 -14.77 -12.08 11.90
CA ARG A 160 -14.77 -13.49 12.28
C ARG A 160 -13.79 -13.78 13.42
N LYS A 161 -12.51 -13.65 13.11
CA LYS A 161 -11.42 -13.93 14.06
C LYS A 161 -11.35 -12.85 15.13
N PRO A 162 -10.72 -13.16 16.28
CA PRO A 162 -10.62 -12.13 17.32
C PRO A 162 -9.66 -11.03 16.89
N LEU A 163 -9.77 -9.89 17.57
CA LEU A 163 -9.04 -8.71 17.17
C LEU A 163 -7.99 -8.35 18.20
N VAL A 164 -6.84 -7.92 17.71
CA VAL A 164 -5.86 -7.27 18.55
C VAL A 164 -5.69 -5.86 18.01
N LEU A 165 -5.95 -4.85 18.84
CA LEU A 165 -5.71 -3.47 18.40
C LEU A 165 -4.60 -2.86 19.23
N CYS A 166 -3.56 -2.34 18.58
CA CYS A 166 -2.45 -1.76 19.31
C CYS A 166 -1.99 -0.43 18.71
N GLY A 167 -1.25 0.33 19.49
CA GLY A 167 -0.69 1.56 18.99
C GLY A 167 -0.96 2.75 19.88
N ASP A 168 -0.77 3.93 19.30
CA ASP A 168 -0.93 5.16 20.04
C ASP A 168 -2.35 5.63 19.83
N LEU A 169 -3.21 5.37 20.81
CA LEU A 169 -4.61 5.72 20.68
C LEU A 169 -4.84 7.13 21.19
N ASN A 170 -3.76 7.75 21.66
CA ASN A 170 -3.72 9.17 21.98
C ASN A 170 -4.83 9.62 22.90
N VAL A 171 -5.03 8.84 23.95
CA VAL A 171 -5.92 9.25 25.03
C VAL A 171 -5.52 8.48 26.30
N ALA A 172 -5.51 9.18 27.44
CA ALA A 172 -5.38 8.52 28.74
C ALA A 172 -6.79 8.27 29.22
N HIS A 173 -7.20 7.00 29.27
CA HIS A 173 -8.60 6.67 29.49
C HIS A 173 -9.13 7.25 30.81
N GLU A 174 -8.44 6.97 31.91
CA GLU A 174 -8.92 7.34 33.23
C GLU A 174 -7.87 8.15 33.98
N GLU A 175 -8.23 8.72 35.13
CA GLU A 175 -7.28 9.52 35.89
C GLU A 175 -6.02 8.73 36.26
N ILE A 176 -6.15 7.42 36.46
CA ILE A 176 -4.97 6.63 36.84
C ILE A 176 -3.96 6.58 35.66
N ASP A 177 -4.41 6.94 34.46
CA ASP A 177 -3.57 6.80 33.27
C ASP A 177 -2.67 8.00 32.98
N LEU A 178 -2.67 9.01 33.83
CA LEU A 178 -1.67 10.08 33.70
C LEU A 178 -1.33 10.70 35.04
N ARG A 179 -0.18 11.38 35.08
CA ARG A 179 0.33 11.92 36.34
C ARG A 179 -0.48 13.11 36.85
N ASN A 180 -0.90 13.99 35.93
CA ASN A 180 -1.63 15.22 36.27
C ASN A 180 -3.03 15.30 35.67
N PRO A 181 -3.95 14.44 36.13
CA PRO A 181 -5.30 14.41 35.58
C PRO A 181 -6.05 15.74 35.66
N LYS A 182 -6.01 16.41 36.81
CA LYS A 182 -6.85 17.59 36.96
C LYS A 182 -6.36 18.77 36.11
N GLY A 183 -5.04 18.91 35.96
CA GLY A 183 -4.50 19.99 35.16
C GLY A 183 -4.59 19.79 33.65
N ASN A 184 -5.05 18.61 33.23
CA ASN A 184 -5.05 18.26 31.81
C ASN A 184 -6.44 17.98 31.22
N LYS A 185 -7.50 18.27 32.00
CA LYS A 185 -8.86 17.98 31.59
C LYS A 185 -9.30 18.76 30.35
N LYS A 186 -8.61 19.85 30.05
CA LYS A 186 -8.89 20.64 28.87
C LYS A 186 -7.77 20.52 27.84
N ASN A 187 -6.92 19.52 28.00
CA ASN A 187 -5.81 19.32 27.07
C ASN A 187 -5.99 18.08 26.20
N ALA A 188 -5.42 18.10 25.00
CA ALA A 188 -5.48 16.97 24.09
C ALA A 188 -5.04 15.72 24.83
N GLY A 189 -5.82 14.64 24.71
CA GLY A 189 -5.44 13.35 25.27
C GLY A 189 -6.18 13.06 26.57
N PHE A 190 -6.82 14.07 27.15
CA PHE A 190 -7.57 13.82 28.38
C PHE A 190 -8.85 14.65 28.48
N THR A 191 -9.41 15.02 27.34
CA THR A 191 -10.72 15.68 27.37
C THR A 191 -11.80 14.66 27.69
N PRO A 192 -12.94 15.11 28.22
CA PRO A 192 -14.07 14.20 28.41
C PRO A 192 -14.47 13.55 27.10
N GLN A 193 -14.34 14.29 26.01
CA GLN A 193 -14.75 13.77 24.70
C GLN A 193 -13.88 12.59 24.22
N GLU A 194 -12.56 12.70 24.36
CA GLU A 194 -11.68 11.61 23.95
C GLU A 194 -11.79 10.42 24.92
N ARG A 195 -11.94 10.72 26.21
CA ARG A 195 -12.08 9.66 27.21
C ARG A 195 -13.34 8.87 26.92
N GLN A 196 -14.41 9.58 26.59
CA GLN A 196 -15.67 8.91 26.26
C GLN A 196 -15.58 8.11 24.97
N GLY A 197 -14.92 8.66 23.96
CA GLY A 197 -14.70 7.94 22.73
C GLY A 197 -13.97 6.63 22.98
N PHE A 198 -13.01 6.66 23.90
CA PHE A 198 -12.31 5.43 24.29
C PHE A 198 -13.26 4.42 24.93
N GLY A 199 -14.04 4.87 25.92
CA GLY A 199 -14.99 3.96 26.54
C GLY A 199 -15.96 3.39 25.52
N GLU A 200 -16.37 4.22 24.56
CA GLU A 200 -17.26 3.75 23.52
C GLU A 200 -16.58 2.73 22.61
N LEU A 201 -15.28 2.90 22.38
CA LEU A 201 -14.52 1.94 21.58
C LEU A 201 -14.58 0.57 22.25
N LEU A 202 -14.33 0.54 23.56
CA LEU A 202 -14.29 -0.72 24.30
C LEU A 202 -15.65 -1.41 24.32
N GLN A 203 -16.71 -0.63 24.43
CA GLN A 203 -18.05 -1.19 24.49
C GLN A 203 -18.58 -1.59 23.11
N ALA A 204 -18.31 -0.76 22.10
CA ALA A 204 -18.88 -0.98 20.77
C ALA A 204 -18.33 -2.21 20.03
N VAL A 205 -17.04 -2.48 20.20
CA VAL A 205 -16.40 -3.46 19.32
C VAL A 205 -16.79 -4.92 19.61
N PRO A 206 -16.63 -5.41 20.86
CA PRO A 206 -16.10 -4.84 22.10
C PRO A 206 -14.63 -5.22 22.35
N LEU A 207 -13.94 -4.47 23.21
CA LEU A 207 -12.53 -4.74 23.50
C LEU A 207 -12.19 -4.53 24.98
N ALA A 208 -11.16 -5.21 25.43
CA ALA A 208 -10.63 -5.05 26.78
C ALA A 208 -9.24 -4.42 26.72
N ASP A 209 -8.93 -3.58 27.69
CA ASP A 209 -7.61 -2.97 27.83
C ASP A 209 -6.71 -3.99 28.53
N SER A 210 -5.80 -4.61 27.78
CA SER A 210 -5.01 -5.74 28.29
C SER A 210 -4.22 -5.35 29.54
N PHE A 211 -3.52 -4.23 29.51
CA PHE A 211 -2.75 -3.80 30.68
C PHE A 211 -3.64 -3.58 31.91
N ARG A 212 -4.75 -2.87 31.72
CA ARG A 212 -5.57 -2.50 32.86
C ARG A 212 -6.29 -3.74 33.36
N HIS A 213 -6.57 -4.68 32.47
CA HIS A 213 -7.20 -5.94 32.86
C HIS A 213 -6.33 -6.73 33.84
N LEU A 214 -5.02 -6.71 33.61
CA LEU A 214 -4.05 -7.41 34.44
C LEU A 214 -3.66 -6.62 35.68
N TYR A 215 -3.65 -5.31 35.54
CA TYR A 215 -3.15 -4.42 36.58
C TYR A 215 -4.14 -3.26 36.80
N PRO A 216 -5.36 -3.60 37.24
CA PRO A 216 -6.46 -2.63 37.33
C PRO A 216 -6.20 -1.46 38.28
N ASN A 217 -5.38 -1.63 39.29
CA ASN A 217 -5.22 -0.55 40.27
C ASN A 217 -3.79 -0.05 40.39
N THR A 218 -3.00 -0.22 39.33
CA THR A 218 -1.61 0.18 39.37
C THR A 218 -1.42 1.57 38.80
N PRO A 219 -0.99 2.52 39.65
CA PRO A 219 -0.72 3.90 39.24
C PRO A 219 0.68 4.11 38.66
N TYR A 220 0.89 5.29 38.08
CA TYR A 220 2.20 5.76 37.59
C TYR A 220 2.79 4.91 36.46
N ALA A 221 1.94 4.12 35.82
CA ALA A 221 2.35 3.36 34.63
C ALA A 221 2.00 4.14 33.37
N TYR A 222 3.01 4.71 32.73
CA TYR A 222 2.84 5.59 31.56
C TYR A 222 3.67 5.12 30.36
N THR A 223 3.31 5.61 29.17
CA THR A 223 4.04 5.23 27.96
C THR A 223 4.53 6.45 27.19
N PHE A 224 4.20 7.63 27.69
CA PHE A 224 4.60 8.88 27.03
C PHE A 224 5.02 9.90 28.08
N TRP A 225 6.04 10.69 27.77
CA TRP A 225 6.45 11.81 28.62
C TRP A 225 6.88 12.95 27.72
N THR A 226 6.37 14.15 27.94
CA THR A 226 6.80 15.24 27.08
C THR A 226 8.31 15.44 27.21
N TYR A 227 8.97 15.72 26.08
CA TYR A 227 10.39 16.04 26.08
C TYR A 227 10.71 17.24 26.98
N MET A 228 9.73 18.09 27.23
CA MET A 228 9.96 19.31 27.99
C MET A 228 10.11 19.08 29.49
N MET A 229 10.84 19.96 30.16
CA MET A 229 10.90 19.99 31.62
C MET A 229 11.38 18.69 32.29
N ASN A 230 12.14 17.88 31.56
CA ASN A 230 12.63 16.62 32.10
C ASN A 230 11.52 15.74 32.67
N ALA A 231 10.35 15.77 32.03
CA ALA A 231 9.21 15.02 32.53
C ALA A 231 9.51 13.52 32.69
N ARG A 232 10.27 12.94 31.77
CA ARG A 232 10.52 11.50 31.84
C ARG A 232 11.33 11.13 33.10
N SER A 233 12.34 11.93 33.42
CA SER A 233 13.16 11.68 34.61
C SER A 233 12.30 11.71 35.88
N LYS A 234 11.21 12.46 35.84
CA LYS A 234 10.33 12.62 36.98
C LYS A 234 9.10 11.71 36.87
N ASN A 235 9.07 10.89 35.82
CA ASN A 235 7.92 10.04 35.49
C ASN A 235 6.61 10.81 35.52
N VAL A 236 6.63 12.04 35.01
CA VAL A 236 5.39 12.78 34.80
C VAL A 236 4.95 12.42 33.39
N GLY A 237 4.07 11.42 33.29
CA GLY A 237 3.72 10.92 31.98
C GLY A 237 2.27 10.56 31.80
N TRP A 238 1.98 9.98 30.64
CA TRP A 238 0.65 9.55 30.25
C TRP A 238 0.71 8.13 29.65
N ARG A 239 -0.33 7.34 29.89
CA ARG A 239 -0.48 6.07 29.20
C ARG A 239 -1.34 6.28 27.95
N LEU A 240 -0.69 6.32 26.78
CA LEU A 240 -1.35 6.63 25.52
C LEU A 240 -1.34 5.44 24.58
N ASP A 241 -0.48 4.48 24.88
CA ASP A 241 -0.29 3.32 24.06
C ASP A 241 -0.83 2.07 24.70
N TYR A 242 -1.63 1.34 23.93
CA TYR A 242 -2.33 0.18 24.41
C TYR A 242 -2.37 -1.04 23.50
N PHE A 243 -2.77 -2.15 24.09
CA PHE A 243 -3.04 -3.39 23.41
C PHE A 243 -4.49 -3.71 23.85
N LEU A 244 -5.43 -3.56 22.95
CA LEU A 244 -6.84 -3.85 23.22
C LEU A 244 -7.22 -5.18 22.58
N LEU A 245 -7.89 -6.04 23.33
CA LEU A 245 -8.15 -7.40 22.88
C LEU A 245 -9.63 -7.76 22.88
N SER A 246 -10.03 -8.55 21.89
CA SER A 246 -11.33 -9.23 21.95
C SER A 246 -11.44 -10.06 23.22
N HIS A 247 -12.66 -10.16 23.75
CA HIS A 247 -12.90 -10.84 25.02
C HIS A 247 -12.45 -12.30 24.93
N SER A 248 -12.61 -12.91 23.76
CA SER A 248 -12.21 -14.30 23.57
C SER A 248 -10.70 -14.52 23.69
N LEU A 249 -9.92 -13.45 23.60
CA LEU A 249 -8.46 -13.59 23.73
C LEU A 249 -7.96 -13.47 25.18
N LEU A 250 -8.84 -13.12 26.10
CA LEU A 250 -8.39 -12.92 27.48
C LEU A 250 -7.77 -14.19 28.11
N PRO A 251 -8.35 -15.37 27.85
CA PRO A 251 -7.71 -16.55 28.46
C PRO A 251 -6.32 -16.84 27.87
N ALA A 252 -6.01 -16.24 26.73
CA ALA A 252 -4.73 -16.43 26.07
C ALA A 252 -3.73 -15.36 26.49
N LEU A 253 -4.19 -14.37 27.26
CA LEU A 253 -3.36 -13.23 27.62
C LEU A 253 -2.37 -13.61 28.72
N CYS A 254 -1.07 -13.49 28.43
CA CYS A 254 -0.06 -13.78 29.43
C CYS A 254 0.39 -12.51 30.15
N ASP A 255 0.72 -11.48 29.38
CA ASP A 255 1.13 -10.24 30.00
C ASP A 255 1.05 -9.11 29.02
N SER A 256 1.01 -7.90 29.58
CA SER A 256 1.02 -6.65 28.82
C SER A 256 2.05 -5.76 29.47
N LYS A 257 3.12 -5.47 28.74
CA LYS A 257 4.28 -4.81 29.32
C LYS A 257 4.41 -3.34 28.91
N ILE A 258 5.02 -2.56 29.79
CA ILE A 258 5.45 -1.21 29.46
C ILE A 258 6.97 -1.14 29.60
N ARG A 259 7.66 -0.89 28.48
CA ARG A 259 9.12 -0.95 28.51
C ARG A 259 9.71 0.41 28.83
N SER A 260 9.61 0.80 30.11
CA SER A 260 9.93 2.15 30.56
C SER A 260 11.36 2.59 30.26
N LYS A 261 12.28 1.64 30.22
CA LYS A 261 13.71 1.95 30.08
C LYS A 261 14.18 2.16 28.64
N ALA A 262 13.38 1.75 27.67
CA ALA A 262 13.85 1.84 26.29
C ALA A 262 13.74 3.27 25.76
N LEU A 263 14.86 3.84 25.35
CA LEU A 263 14.89 5.25 24.94
C LEU A 263 14.81 5.37 23.44
N GLY A 264 14.72 6.59 22.92
CA GLY A 264 14.77 6.80 21.49
C GLY A 264 13.60 7.58 20.94
N SER A 265 12.65 7.88 21.83
CA SER A 265 11.40 8.55 21.48
C SER A 265 10.84 9.21 22.75
N ASP A 266 9.73 9.94 22.62
CA ASP A 266 9.04 10.42 23.81
C ASP A 266 7.94 9.42 24.22
N HIS A 267 7.75 8.35 23.44
CA HIS A 267 6.99 7.19 23.92
C HIS A 267 7.94 6.04 24.19
N CYS A 268 7.58 5.12 25.07
CA CYS A 268 8.35 3.88 25.24
C CYS A 268 7.58 2.74 24.56
N PRO A 269 8.26 1.60 24.31
CA PRO A 269 7.56 0.45 23.72
C PRO A 269 6.54 -0.17 24.68
N ILE A 270 5.56 -0.88 24.12
CA ILE A 270 4.72 -1.74 24.93
C ILE A 270 4.79 -3.10 24.30
N THR A 271 4.63 -4.16 25.09
CA THR A 271 4.81 -5.51 24.56
C THR A 271 3.73 -6.45 25.06
N LEU A 272 3.17 -7.24 24.16
CA LEU A 272 2.12 -8.20 24.49
C LEU A 272 2.61 -9.64 24.36
N TYR A 273 2.30 -10.48 25.33
CA TYR A 273 2.55 -11.92 25.21
C TYR A 273 1.21 -12.65 25.15
N LEU A 274 1.00 -13.42 24.09
CA LEU A 274 -0.23 -14.21 23.98
C LEU A 274 0.09 -15.71 23.86
N ALA A 275 -0.74 -16.54 24.51
CA ALA A 275 -0.67 -17.99 24.34
C ALA A 275 -1.69 -18.47 23.31
N LEU A 276 -1.27 -18.57 22.05
CA LEU A 276 -2.17 -18.94 20.96
C LEU A 276 -1.92 -20.36 20.45
N ALA B 1 4.88 -17.86 -38.03
CA ALA B 1 4.58 -16.53 -37.49
C ALA B 1 4.13 -16.62 -36.04
N LEU B 2 4.55 -17.67 -35.33
CA LEU B 2 4.32 -17.73 -33.89
C LEU B 2 5.43 -16.90 -33.25
N TYR B 3 5.32 -16.63 -31.95
CA TYR B 3 6.27 -15.74 -31.29
C TYR B 3 6.80 -16.32 -29.99
N GLU B 4 8.10 -16.19 -29.79
CA GLU B 4 8.77 -16.60 -28.58
C GLU B 4 9.45 -15.40 -27.95
N ASP B 5 8.95 -14.91 -26.82
CA ASP B 5 9.57 -13.75 -26.19
C ASP B 5 10.96 -14.16 -25.68
N PRO B 6 11.99 -13.34 -25.97
CA PRO B 6 13.36 -13.54 -25.49
C PRO B 6 13.43 -13.66 -23.96
N PRO B 7 14.49 -14.31 -23.44
CA PRO B 7 14.59 -14.46 -21.99
C PRO B 7 14.72 -13.11 -21.29
N ASP B 8 14.46 -13.05 -20.00
CA ASP B 8 14.53 -11.79 -19.25
C ASP B 8 15.96 -11.25 -19.07
N GLN B 9 16.20 -10.06 -19.58
CA GLN B 9 17.43 -9.33 -19.32
C GLN B 9 17.22 -8.50 -18.06
N LYS B 10 17.91 -8.85 -16.98
CA LYS B 10 17.72 -8.20 -15.69
C LYS B 10 18.89 -7.32 -15.29
N THR B 11 19.70 -6.95 -16.28
CA THR B 11 20.84 -6.09 -16.08
C THR B 11 20.75 -4.92 -17.06
N SER B 12 21.08 -3.72 -16.59
CA SER B 12 21.00 -2.52 -17.43
C SER B 12 22.22 -2.47 -18.32
N PRO B 13 22.20 -1.59 -19.36
CA PRO B 13 23.39 -1.49 -20.22
C PRO B 13 24.67 -1.21 -19.43
N SER B 14 24.59 -0.41 -18.37
CA SER B 14 25.75 -0.11 -17.55
C SER B 14 26.01 -1.21 -16.51
N GLY B 15 25.28 -2.31 -16.62
CA GLY B 15 25.52 -3.46 -15.77
C GLY B 15 24.82 -3.45 -14.42
N LYS B 16 23.89 -2.52 -14.20
CA LYS B 16 23.20 -2.44 -12.90
C LYS B 16 22.01 -3.43 -12.84
N PRO B 17 21.83 -4.11 -11.68
CA PRO B 17 20.72 -5.07 -11.57
C PRO B 17 19.34 -4.41 -11.53
N ALA B 18 18.37 -5.05 -12.16
CA ALA B 18 16.97 -4.64 -12.07
C ALA B 18 16.49 -4.63 -10.62
N THR B 19 15.80 -3.57 -10.24
CA THR B 19 15.34 -3.38 -8.86
C THR B 19 13.84 -3.20 -8.85
N LEU B 20 13.27 -3.01 -10.02
CA LEU B 20 11.85 -2.73 -10.15
C LEU B 20 11.25 -3.53 -11.29
N LYS B 21 10.18 -4.25 -10.97
CA LYS B 21 9.45 -5.10 -11.89
C LYS B 21 7.98 -4.67 -11.92
N ILE B 22 7.54 -4.17 -13.07
CA ILE B 22 6.16 -3.74 -13.26
C ILE B 22 5.44 -4.61 -14.26
N CYS B 23 4.23 -5.03 -13.92
CA CYS B 23 3.45 -5.84 -14.83
C CYS B 23 2.15 -5.10 -15.12
N SER B 24 1.77 -5.06 -16.40
CA SER B 24 0.53 -4.41 -16.81
C SER B 24 -0.31 -5.45 -17.56
N TRP B 25 -1.62 -5.47 -17.29
CA TRP B 25 -2.48 -6.52 -17.85
C TRP B 25 -3.90 -6.02 -18.03
N ASN B 26 -4.38 -6.00 -19.28
CA ASN B 26 -5.80 -5.80 -19.52
C ASN B 26 -6.49 -7.13 -19.25
N VAL B 27 -7.25 -7.19 -18.17
CA VAL B 27 -7.80 -8.47 -17.72
C VAL B 27 -9.15 -8.74 -18.35
N ASP B 28 -9.74 -7.71 -18.98
CA ASP B 28 -11.02 -7.82 -19.67
C ASP B 28 -12.06 -8.59 -18.85
N GLY B 29 -12.42 -8.06 -17.68
CA GLY B 29 -13.31 -8.76 -16.80
C GLY B 29 -12.50 -9.30 -15.64
N LEU B 30 -12.31 -8.43 -14.65
CA LEU B 30 -11.51 -8.73 -13.47
C LEU B 30 -12.01 -9.99 -12.75
N ARG B 31 -13.31 -10.10 -12.59
CA ARG B 31 -13.87 -11.26 -11.89
C ARG B 31 -13.60 -12.55 -12.66
N ALA B 32 -13.86 -12.52 -13.97
CA ALA B 32 -13.59 -13.68 -14.84
C ALA B 32 -12.13 -14.06 -14.83
N TRP B 33 -11.27 -13.06 -15.00
CA TRP B 33 -9.83 -13.23 -14.95
C TRP B 33 -9.38 -13.96 -13.67
N ILE B 34 -9.93 -13.54 -12.54
CA ILE B 34 -9.60 -14.18 -11.27
C ILE B 34 -10.04 -15.65 -11.30
N LYS B 35 -11.28 -15.90 -11.69
CA LYS B 35 -11.78 -17.27 -11.80
C LYS B 35 -10.90 -18.11 -12.73
N LYS B 36 -10.26 -17.46 -13.70
CA LYS B 36 -9.42 -18.17 -14.66
C LYS B 36 -7.96 -18.21 -14.20
N LYS B 37 -7.74 -18.02 -12.91
CA LYS B 37 -6.42 -18.17 -12.26
C LYS B 37 -5.43 -17.02 -12.53
N GLY B 38 -5.94 -15.85 -12.90
CA GLY B 38 -5.09 -14.70 -13.15
C GLY B 38 -4.19 -14.33 -11.97
N LEU B 39 -4.74 -14.32 -10.76
CA LEU B 39 -3.94 -13.98 -9.59
C LEU B 39 -2.83 -14.99 -9.31
N ASP B 40 -3.05 -16.25 -9.62
CA ASP B 40 -2.02 -17.25 -9.41
C ASP B 40 -0.82 -16.97 -10.32
N TRP B 41 -1.10 -16.52 -11.54
CA TRP B 41 -0.02 -16.13 -12.45
C TRP B 41 0.72 -14.91 -11.89
N VAL B 42 -0.03 -13.94 -11.40
CA VAL B 42 0.59 -12.74 -10.83
C VAL B 42 1.51 -13.09 -9.66
N LYS B 43 1.03 -13.96 -8.78
CA LYS B 43 1.82 -14.38 -7.63
C LYS B 43 3.15 -15.01 -8.07
N GLU B 44 3.09 -15.77 -9.16
CA GLU B 44 4.29 -16.37 -9.73
C GLU B 44 5.20 -15.31 -10.34
N GLU B 45 4.62 -14.39 -11.10
CA GLU B 45 5.39 -13.33 -11.74
C GLU B 45 6.03 -12.44 -10.70
N ALA B 46 5.32 -12.23 -9.59
CA ALA B 46 5.80 -11.45 -8.45
C ALA B 46 6.32 -10.05 -8.81
N PRO B 47 5.50 -9.24 -9.51
CA PRO B 47 5.94 -7.87 -9.78
C PRO B 47 5.89 -6.99 -8.53
N ASP B 48 6.67 -5.91 -8.52
CA ASP B 48 6.59 -4.90 -7.49
C ASP B 48 5.33 -4.04 -7.65
N ILE B 49 4.90 -3.89 -8.91
CA ILE B 49 3.70 -3.12 -9.20
C ILE B 49 2.86 -3.85 -10.24
N LEU B 50 1.55 -3.90 -10.04
CA LEU B 50 0.65 -4.50 -11.02
C LEU B 50 -0.41 -3.48 -11.46
N CYS B 51 -0.51 -3.28 -12.77
CA CYS B 51 -1.51 -2.38 -13.32
C CYS B 51 -2.52 -3.19 -14.11
N LEU B 52 -3.81 -2.93 -13.91
CA LEU B 52 -4.88 -3.71 -14.51
C LEU B 52 -5.82 -2.78 -15.25
N GLN B 53 -6.30 -3.23 -16.41
CA GLN B 53 -7.21 -2.42 -17.20
C GLN B 53 -8.44 -3.24 -17.63
N GLU B 54 -9.50 -2.51 -17.95
CA GLU B 54 -10.79 -3.08 -18.33
C GLU B 54 -11.27 -4.09 -17.27
N THR B 55 -11.37 -3.59 -16.04
CA THR B 55 -11.72 -4.45 -14.92
C THR B 55 -13.20 -4.80 -14.96
N LYS B 56 -14.03 -3.85 -15.41
CA LYS B 56 -15.49 -4.05 -15.52
C LYS B 56 -16.08 -4.55 -14.20
N CYS B 57 -15.77 -3.84 -13.13
CA CYS B 57 -16.12 -4.29 -11.78
C CYS B 57 -16.14 -3.12 -10.81
N SER B 58 -17.30 -2.84 -10.23
CA SER B 58 -17.40 -1.81 -9.21
C SER B 58 -16.54 -2.17 -8.00
N GLU B 59 -16.13 -1.16 -7.24
CA GLU B 59 -15.34 -1.41 -6.04
C GLU B 59 -16.10 -2.28 -5.03
N ASN B 60 -17.40 -2.05 -4.92
CA ASN B 60 -18.29 -2.86 -4.09
C ASN B 60 -18.19 -4.35 -4.35
N LYS B 61 -17.81 -4.69 -5.58
CA LYS B 61 -17.83 -6.07 -6.05
C LYS B 61 -16.45 -6.66 -6.29
N LEU B 62 -15.40 -6.00 -5.82
CA LEU B 62 -14.04 -6.52 -5.98
C LEU B 62 -13.88 -7.85 -5.24
N PRO B 63 -13.48 -8.91 -5.95
CA PRO B 63 -13.38 -10.25 -5.37
C PRO B 63 -12.44 -10.31 -4.17
N ALA B 64 -12.80 -11.14 -3.19
CA ALA B 64 -12.08 -11.19 -1.91
C ALA B 64 -10.64 -11.64 -2.09
N GLU B 65 -10.38 -12.43 -3.13
CA GLU B 65 -9.04 -12.93 -3.41
C GLU B 65 -7.98 -11.83 -3.47
N LEU B 66 -8.42 -10.62 -3.82
CA LEU B 66 -7.49 -9.49 -3.98
C LEU B 66 -6.92 -9.05 -2.63
N GLN B 67 -7.71 -9.27 -1.58
CA GLN B 67 -7.26 -9.06 -0.20
C GLN B 67 -6.06 -9.95 0.16
N GLU B 68 -5.89 -11.05 -0.58
CA GLU B 68 -4.86 -12.04 -0.25
C GLU B 68 -3.60 -11.89 -1.08
N LEU B 69 -3.20 -10.64 -1.27
CA LEU B 69 -2.00 -10.24 -2.01
C LEU B 69 -1.15 -9.31 -1.15
N PRO B 70 -0.57 -9.82 -0.05
CA PRO B 70 0.20 -8.91 0.80
C PRO B 70 1.48 -8.39 0.12
N GLY B 71 1.92 -9.02 -0.96
CA GLY B 71 3.06 -8.54 -1.72
C GLY B 71 2.69 -7.37 -2.64
N LEU B 72 1.39 -7.16 -2.84
CA LEU B 72 0.87 -6.02 -3.59
C LEU B 72 -0.25 -5.39 -2.76
N SER B 73 0.08 -5.03 -1.52
CA SER B 73 -0.93 -4.65 -0.53
C SER B 73 -1.51 -3.24 -0.71
N HIS B 74 -0.82 -2.37 -1.42
CA HIS B 74 -1.36 -1.02 -1.65
C HIS B 74 -2.16 -0.98 -2.93
N GLN B 75 -3.49 -0.92 -2.79
CA GLN B 75 -4.37 -1.10 -3.94
C GLN B 75 -5.25 0.10 -4.20
N TYR B 76 -5.23 0.58 -5.44
CA TYR B 76 -5.95 1.78 -5.86
C TYR B 76 -6.79 1.45 -7.08
N TRP B 77 -8.05 1.89 -7.08
CA TRP B 77 -8.99 1.50 -8.12
C TRP B 77 -9.74 2.70 -8.63
N SER B 78 -9.99 2.69 -9.93
CA SER B 78 -10.76 3.75 -10.55
C SER B 78 -11.81 3.16 -11.47
N ALA B 79 -13.08 3.32 -11.10
CA ALA B 79 -14.20 2.89 -11.92
C ALA B 79 -14.96 4.12 -12.45
N PRO B 80 -15.70 3.95 -13.56
CA PRO B 80 -16.56 5.03 -14.06
C PRO B 80 -17.77 5.28 -13.13
N SER B 87 -15.24 -0.41 -18.63
CA SER B 87 -14.06 0.38 -18.27
C SER B 87 -13.51 -0.08 -16.90
N GLY B 88 -12.68 0.75 -16.29
CA GLY B 88 -12.14 0.46 -14.97
C GLY B 88 -10.69 0.03 -14.98
N VAL B 89 -9.91 0.56 -14.04
CA VAL B 89 -8.48 0.24 -13.95
C VAL B 89 -8.08 0.11 -12.49
N GLY B 90 -6.93 -0.53 -12.27
CA GLY B 90 -6.41 -0.75 -10.94
C GLY B 90 -4.90 -0.61 -10.94
N LEU B 91 -4.38 -0.19 -9.80
CA LEU B 91 -2.93 -0.13 -9.61
C LEU B 91 -2.63 -0.70 -8.24
N LEU B 92 -1.83 -1.77 -8.23
CA LEU B 92 -1.47 -2.47 -7.00
C LEU B 92 0.03 -2.39 -6.81
N SER B 93 0.46 -2.01 -5.61
CA SER B 93 1.87 -1.72 -5.37
C SER B 93 2.41 -2.40 -4.12
N ARG B 94 3.61 -2.96 -4.22
CA ARG B 94 4.29 -3.53 -3.06
C ARG B 94 4.66 -2.44 -2.05
N GLN B 95 5.27 -1.35 -2.54
CA GLN B 95 5.63 -0.23 -1.68
C GLN B 95 4.51 0.83 -1.66
N CYS B 96 4.44 1.61 -0.58
CA CYS B 96 3.48 2.70 -0.52
C CYS B 96 3.89 3.83 -1.46
N PRO B 97 3.03 4.19 -2.42
CA PRO B 97 3.37 5.33 -3.29
C PRO B 97 3.36 6.64 -2.52
N LEU B 98 4.09 7.63 -3.02
CA LEU B 98 4.09 8.96 -2.41
C LEU B 98 2.72 9.61 -2.49
N LYS B 99 2.09 9.50 -3.65
CA LYS B 99 0.77 10.08 -3.88
C LYS B 99 0.11 9.36 -5.02
N VAL B 100 -1.20 9.15 -4.93
CA VAL B 100 -1.95 8.57 -6.05
C VAL B 100 -3.08 9.52 -6.45
N SER B 101 -3.29 9.70 -7.74
CA SER B 101 -4.38 10.54 -8.22
C SER B 101 -5.09 9.82 -9.36
N TYR B 102 -6.27 10.33 -9.75
CA TYR B 102 -7.13 9.66 -10.71
C TYR B 102 -7.56 10.59 -11.82
N GLY B 103 -7.62 10.09 -13.05
CA GLY B 103 -8.12 10.86 -14.17
C GLY B 103 -7.04 11.71 -14.78
N ILE B 104 -7.41 12.49 -15.80
CA ILE B 104 -6.44 13.28 -16.53
C ILE B 104 -6.71 14.78 -16.44
N GLY B 105 -7.37 15.21 -15.36
CA GLY B 105 -7.65 16.61 -15.15
C GLY B 105 -9.13 16.91 -15.25
N GLU B 112 -14.18 8.62 -16.59
CA GLU B 112 -14.55 7.34 -17.16
C GLU B 112 -13.76 6.16 -16.57
N GLY B 113 -12.97 6.42 -15.53
CA GLY B 113 -12.20 5.37 -14.86
C GLY B 113 -11.14 4.69 -15.73
N ARG B 114 -10.33 5.49 -16.40
CA ARG B 114 -9.35 4.96 -17.35
C ARG B 114 -7.90 5.21 -16.97
N VAL B 115 -7.66 6.12 -16.02
CA VAL B 115 -6.29 6.52 -15.69
C VAL B 115 -6.05 6.60 -14.19
N ILE B 116 -4.96 5.99 -13.74
CA ILE B 116 -4.46 6.19 -12.39
C ILE B 116 -3.01 6.63 -12.47
N VAL B 117 -2.64 7.58 -11.62
CA VAL B 117 -1.31 8.14 -11.56
C VAL B 117 -0.69 7.88 -10.19
N ALA B 118 0.45 7.20 -10.13
CA ALA B 118 1.08 6.96 -8.84
C ALA B 118 2.49 7.54 -8.83
N GLU B 119 2.75 8.41 -7.87
CA GLU B 119 4.07 9.03 -7.79
C GLU B 119 4.97 8.22 -6.88
N PHE B 120 6.16 7.89 -7.38
CA PHE B 120 7.17 7.21 -6.58
C PHE B 120 8.41 8.09 -6.47
N ASP B 121 9.46 7.56 -5.85
CA ASP B 121 10.67 8.33 -5.58
C ASP B 121 11.28 8.86 -6.87
N SER B 122 11.66 7.94 -7.76
CA SER B 122 12.45 8.28 -8.95
C SER B 122 11.63 8.60 -10.19
N PHE B 123 10.32 8.35 -10.14
CA PHE B 123 9.51 8.45 -11.35
C PHE B 123 8.03 8.51 -11.01
N VAL B 124 7.24 8.87 -12.01
CA VAL B 124 5.79 8.83 -11.92
C VAL B 124 5.27 7.71 -12.83
N LEU B 125 4.41 6.86 -12.29
CA LEU B 125 3.79 5.79 -13.07
C LEU B 125 2.37 6.17 -13.45
N VAL B 126 2.06 6.09 -14.73
CA VAL B 126 0.68 6.29 -15.17
C VAL B 126 0.19 5.00 -15.79
N THR B 127 -0.99 4.53 -15.41
CA THR B 127 -1.57 3.43 -16.16
C THR B 127 -2.88 3.87 -16.80
N ALA B 128 -3.10 3.39 -18.01
CA ALA B 128 -4.14 3.92 -18.83
C ALA B 128 -4.88 2.82 -19.57
N TYR B 129 -6.19 3.00 -19.63
CA TYR B 129 -7.05 2.21 -20.49
C TYR B 129 -7.65 3.17 -21.51
N VAL B 130 -6.99 3.29 -22.66
CA VAL B 130 -7.37 4.26 -23.68
C VAL B 130 -8.67 3.86 -24.37
N PRO B 131 -9.58 4.82 -24.62
CA PRO B 131 -10.88 4.43 -25.19
C PRO B 131 -10.76 3.85 -26.58
N ASN B 132 -11.52 2.78 -26.82
CA ASN B 132 -11.56 2.17 -28.13
C ASN B 132 -12.35 3.03 -29.13
N ALA B 133 -11.90 3.09 -30.38
CA ALA B 133 -12.61 3.87 -31.39
C ALA B 133 -13.93 3.17 -31.76
N GLY B 134 -14.00 1.88 -31.48
CA GLY B 134 -15.26 1.15 -31.60
C GLY B 134 -15.48 0.54 -32.97
N ARG B 135 -16.37 -0.45 -33.02
CA ARG B 135 -16.82 -1.02 -34.28
C ARG B 135 -17.45 0.05 -35.14
N GLY B 136 -17.07 0.11 -36.41
CA GLY B 136 -17.56 1.13 -37.32
C GLY B 136 -17.10 2.52 -36.97
N LEU B 137 -16.09 2.61 -36.10
CA LEU B 137 -15.47 3.88 -35.73
C LEU B 137 -16.42 4.86 -35.06
N VAL B 138 -17.46 4.34 -34.40
CA VAL B 138 -18.50 5.19 -33.82
C VAL B 138 -17.95 6.19 -32.78
N ARG B 139 -16.90 5.79 -32.06
CA ARG B 139 -16.33 6.65 -31.03
C ARG B 139 -14.94 7.18 -31.37
N LEU B 140 -14.58 7.20 -32.64
CA LEU B 140 -13.27 7.71 -33.04
C LEU B 140 -13.11 9.19 -32.65
N GLU B 141 -14.19 9.94 -32.81
CA GLU B 141 -14.17 11.36 -32.50
C GLU B 141 -13.85 11.57 -31.01
N TYR B 142 -14.49 10.81 -30.15
CA TYR B 142 -14.19 10.85 -28.72
C TYR B 142 -12.76 10.44 -28.45
N ARG B 143 -12.31 9.40 -29.16
CA ARG B 143 -10.93 8.94 -29.01
C ARG B 143 -9.94 10.05 -29.35
N GLN B 144 -10.20 10.76 -30.44
CA GLN B 144 -9.27 11.80 -30.88
C GLN B 144 -9.18 12.92 -29.86
N ARG B 145 -10.31 13.29 -29.28
CA ARG B 145 -10.38 14.31 -28.24
C ARG B 145 -9.66 13.83 -26.97
N TRP B 146 -9.91 12.59 -26.60
CA TRP B 146 -9.24 11.99 -25.46
C TRP B 146 -7.72 11.98 -25.66
N ASP B 147 -7.24 11.60 -26.85
CA ASP B 147 -5.81 11.53 -27.14
C ASP B 147 -5.13 12.87 -26.89
N GLU B 148 -5.74 13.93 -27.42
CA GLU B 148 -5.19 15.26 -27.30
C GLU B 148 -5.11 15.68 -25.83
N ALA B 149 -6.22 15.51 -25.10
CA ALA B 149 -6.23 15.85 -23.68
C ALA B 149 -5.20 15.03 -22.90
N PHE B 150 -5.04 13.76 -23.27
CA PHE B 150 -4.11 12.87 -22.57
C PHE B 150 -2.68 13.34 -22.78
N ARG B 151 -2.35 13.66 -24.04
CA ARG B 151 -1.01 14.16 -24.36
C ARG B 151 -0.66 15.39 -23.53
N LYS B 152 -1.56 16.36 -23.51
CA LYS B 152 -1.35 17.59 -22.75
C LYS B 152 -1.10 17.28 -21.28
N PHE B 153 -1.93 16.42 -20.72
CA PHE B 153 -1.80 16.01 -19.32
C PHE B 153 -0.42 15.37 -19.03
N LEU B 154 0.02 14.47 -19.91
CA LEU B 154 1.29 13.78 -19.71
C LEU B 154 2.49 14.70 -19.87
N LYS B 155 2.36 15.72 -20.72
CA LYS B 155 3.40 16.71 -20.92
C LYS B 155 3.72 17.42 -19.61
N GLY B 156 2.68 17.87 -18.93
CA GLY B 156 2.81 18.49 -17.62
C GLY B 156 3.50 17.61 -16.59
N LEU B 157 3.01 16.38 -16.42
CA LEU B 157 3.61 15.45 -15.46
C LEU B 157 5.11 15.28 -15.69
N ALA B 158 5.48 14.95 -16.92
CA ALA B 158 6.87 14.61 -17.26
C ALA B 158 7.79 15.81 -17.09
N SER B 159 7.23 17.01 -17.19
CA SER B 159 7.99 18.23 -16.97
C SER B 159 8.42 18.36 -15.51
N ARG B 160 7.94 17.46 -14.66
CA ARG B 160 8.29 17.48 -13.25
C ARG B 160 9.15 16.27 -12.86
N LYS B 161 8.81 15.09 -13.37
CA LYS B 161 9.50 13.85 -13.00
C LYS B 161 9.56 12.88 -14.17
N PRO B 162 10.58 11.99 -14.23
CA PRO B 162 10.59 10.96 -15.26
C PRO B 162 9.30 10.15 -15.24
N LEU B 163 8.83 9.75 -16.43
CA LEU B 163 7.53 9.13 -16.59
C LEU B 163 7.61 7.68 -17.05
N VAL B 164 6.77 6.83 -16.46
CA VAL B 164 6.48 5.52 -17.02
C VAL B 164 5.00 5.46 -17.30
N LEU B 165 4.64 5.17 -18.55
CA LEU B 165 3.24 5.03 -18.92
C LEU B 165 3.01 3.61 -19.39
N CYS B 166 2.06 2.92 -18.77
CA CYS B 166 1.75 1.56 -19.18
C CYS B 166 0.27 1.32 -19.35
N GLY B 167 -0.06 0.28 -20.10
CA GLY B 167 -1.45 -0.12 -20.19
C GLY B 167 -1.88 -0.43 -21.60
N ASP B 168 -3.19 -0.44 -21.80
CA ASP B 168 -3.79 -0.70 -23.09
C ASP B 168 -4.03 0.64 -23.79
N LEU B 169 -3.16 0.98 -24.75
CA LEU B 169 -3.24 2.26 -25.43
C LEU B 169 -4.11 2.14 -26.68
N ASN B 170 -4.61 0.93 -26.92
CA ASN B 170 -5.59 0.68 -27.96
C ASN B 170 -5.18 1.24 -29.33
N VAL B 171 -3.92 1.02 -29.67
CA VAL B 171 -3.42 1.34 -31.00
C VAL B 171 -2.20 0.50 -31.29
N ALA B 172 -2.16 -0.04 -32.51
CA ALA B 172 -0.95 -0.63 -33.05
C ALA B 172 -0.22 0.47 -33.82
N HIS B 173 0.95 0.86 -33.33
CA HIS B 173 1.65 2.04 -33.86
C HIS B 173 2.01 1.90 -35.35
N GLU B 174 2.76 0.85 -35.68
CA GLU B 174 3.19 0.66 -37.07
C GLU B 174 2.70 -0.68 -37.60
N GLU B 175 2.99 -0.95 -38.86
CA GLU B 175 2.57 -2.19 -39.50
C GLU B 175 3.12 -3.41 -38.78
N ILE B 176 4.34 -3.32 -38.27
CA ILE B 176 4.98 -4.45 -37.58
C ILE B 176 4.25 -4.80 -36.28
N ASP B 177 3.37 -3.91 -35.83
CA ASP B 177 2.70 -4.09 -34.53
C ASP B 177 1.37 -4.84 -34.62
N LEU B 178 1.00 -5.29 -35.82
CA LEU B 178 -0.16 -6.18 -35.93
C LEU B 178 0.01 -7.13 -37.10
N ARG B 179 -0.78 -8.21 -37.09
CA ARG B 179 -0.65 -9.28 -38.06
C ARG B 179 -1.19 -8.91 -39.43
N ASN B 180 -2.31 -8.20 -39.46
CA ASN B 180 -2.98 -7.81 -40.71
C ASN B 180 -3.09 -6.31 -40.95
N PRO B 181 -1.97 -5.61 -41.14
CA PRO B 181 -2.00 -4.16 -41.36
C PRO B 181 -2.96 -3.73 -42.47
N LYS B 182 -2.88 -4.37 -43.62
CA LYS B 182 -3.64 -3.95 -44.80
C LYS B 182 -5.16 -4.00 -44.59
N GLY B 183 -5.64 -5.02 -43.90
CA GLY B 183 -7.07 -5.18 -43.66
C GLY B 183 -7.63 -4.39 -42.48
N ASN B 184 -6.79 -3.63 -41.79
CA ASN B 184 -7.26 -2.91 -40.61
C ASN B 184 -7.07 -1.39 -40.67
N LYS B 185 -6.71 -0.87 -41.84
CA LYS B 185 -6.43 0.56 -41.93
C LYS B 185 -7.65 1.45 -41.67
N LYS B 186 -8.84 0.86 -41.64
CA LYS B 186 -10.03 1.63 -41.30
C LYS B 186 -10.76 1.04 -40.08
N ASN B 187 -10.07 0.19 -39.32
CA ASN B 187 -10.62 -0.36 -38.08
C ASN B 187 -10.00 0.31 -36.86
N ALA B 188 -10.75 0.30 -35.75
CA ALA B 188 -10.27 0.83 -34.48
C ALA B 188 -8.90 0.23 -34.12
N GLY B 189 -7.96 1.09 -33.77
CA GLY B 189 -6.63 0.63 -33.40
C GLY B 189 -5.58 0.73 -34.48
N PHE B 190 -5.99 0.99 -35.72
CA PHE B 190 -5.02 1.15 -36.81
C PHE B 190 -5.47 2.19 -37.84
N THR B 191 -6.40 3.06 -37.45
CA THR B 191 -6.76 4.19 -38.30
C THR B 191 -5.57 5.15 -38.37
N PRO B 192 -5.47 5.90 -39.49
CA PRO B 192 -4.43 6.94 -39.57
C PRO B 192 -4.46 7.88 -38.37
N GLN B 193 -5.66 8.27 -37.95
CA GLN B 193 -5.82 9.20 -36.85
C GLN B 193 -5.22 8.65 -35.54
N GLU B 194 -5.49 7.39 -35.26
CA GLU B 194 -4.99 6.79 -34.03
C GLU B 194 -3.48 6.62 -34.07
N ARG B 195 -2.97 6.13 -35.20
CA ARG B 195 -1.52 5.98 -35.36
C ARG B 195 -0.83 7.33 -35.21
N GLN B 196 -1.39 8.35 -35.85
CA GLN B 196 -0.88 9.72 -35.72
C GLN B 196 -0.84 10.18 -34.26
N GLY B 197 -1.94 9.98 -33.54
CA GLY B 197 -1.98 10.27 -32.11
C GLY B 197 -0.86 9.62 -31.32
N PHE B 198 -0.58 8.35 -31.58
CA PHE B 198 0.49 7.65 -30.89
C PHE B 198 1.83 8.31 -31.23
N GLY B 199 2.02 8.64 -32.50
CA GLY B 199 3.25 9.31 -32.91
C GLY B 199 3.39 10.63 -32.21
N GLU B 200 2.29 11.38 -32.12
CA GLU B 200 2.27 12.65 -31.40
C GLU B 200 2.58 12.47 -29.92
N LEU B 201 2.11 11.38 -29.34
CA LEU B 201 2.36 11.12 -27.94
C LEU B 201 3.86 10.95 -27.71
N LEU B 202 4.47 10.11 -28.53
CA LEU B 202 5.92 9.89 -28.42
C LEU B 202 6.70 11.19 -28.63
N GLN B 203 6.32 11.95 -29.65
CA GLN B 203 7.05 13.17 -29.98
C GLN B 203 6.88 14.26 -28.93
N ALA B 204 5.64 14.51 -28.50
CA ALA B 204 5.33 15.69 -27.68
C ALA B 204 5.75 15.60 -26.22
N VAL B 205 5.75 14.40 -25.63
CA VAL B 205 5.94 14.34 -24.19
C VAL B 205 7.39 14.64 -23.74
N PRO B 206 8.41 13.96 -24.31
CA PRO B 206 8.49 12.82 -25.23
C PRO B 206 8.57 11.49 -24.48
N LEU B 207 8.30 10.40 -25.19
CA LEU B 207 8.36 9.07 -24.63
C LEU B 207 9.01 8.11 -25.62
N ALA B 208 9.57 7.03 -25.10
CA ALA B 208 10.10 5.96 -25.93
C ALA B 208 9.31 4.67 -25.73
N ASP B 209 9.05 3.97 -26.81
CA ASP B 209 8.37 2.67 -26.77
C ASP B 209 9.38 1.59 -26.34
N SER B 210 9.31 1.20 -25.07
CA SER B 210 10.34 0.39 -24.43
C SER B 210 10.62 -0.89 -25.20
N PHE B 211 9.55 -1.59 -25.58
CA PHE B 211 9.70 -2.84 -26.32
C PHE B 211 10.36 -2.61 -27.67
N ARG B 212 9.91 -1.59 -28.38
CA ARG B 212 10.41 -1.35 -29.74
C ARG B 212 11.81 -0.74 -29.66
N HIS B 213 12.11 -0.03 -28.57
CA HIS B 213 13.47 0.47 -28.37
C HIS B 213 14.48 -0.67 -28.28
N LEU B 214 14.06 -1.76 -27.64
CA LEU B 214 14.95 -2.91 -27.41
C LEU B 214 14.91 -3.92 -28.55
N TYR B 215 13.78 -4.02 -29.23
CA TYR B 215 13.60 -5.00 -30.28
C TYR B 215 13.04 -4.35 -31.55
N PRO B 216 13.83 -3.45 -32.16
CA PRO B 216 13.37 -2.62 -33.28
C PRO B 216 12.91 -3.45 -34.47
N ASN B 217 13.50 -4.63 -34.65
CA ASN B 217 13.29 -5.43 -35.86
C ASN B 217 12.48 -6.70 -35.64
N THR B 218 11.88 -6.85 -34.47
CA THR B 218 11.18 -8.09 -34.12
C THR B 218 9.69 -8.07 -34.50
N PRO B 219 9.27 -8.95 -35.42
CA PRO B 219 7.86 -9.02 -35.83
C PRO B 219 7.05 -10.04 -35.05
N TYR B 220 5.74 -10.05 -35.28
CA TYR B 220 4.84 -11.07 -34.74
C TYR B 220 4.68 -11.04 -33.22
N ALA B 221 5.11 -9.93 -32.62
CA ALA B 221 5.01 -9.74 -31.16
C ALA B 221 3.76 -8.96 -30.81
N TYR B 222 2.76 -9.66 -30.27
CA TYR B 222 1.45 -9.06 -30.01
C TYR B 222 1.04 -9.22 -28.53
N THR B 223 0.06 -8.43 -28.10
CA THR B 223 -0.41 -8.52 -26.71
C THR B 223 -1.91 -8.76 -26.65
N PHE B 224 -2.57 -8.74 -27.81
CA PHE B 224 -4.02 -8.90 -27.93
C PHE B 224 -4.39 -9.79 -29.10
N TRP B 225 -5.38 -10.65 -28.91
CA TRP B 225 -5.91 -11.46 -29.98
C TRP B 225 -7.40 -11.56 -29.77
N THR B 226 -8.18 -11.38 -30.83
CA THR B 226 -9.63 -11.54 -30.70
C THR B 226 -9.94 -12.97 -30.24
N TYR B 227 -10.91 -13.08 -29.34
CA TYR B 227 -11.35 -14.40 -28.90
C TYR B 227 -11.79 -15.26 -30.07
N MET B 228 -12.30 -14.61 -31.13
CA MET B 228 -12.91 -15.34 -32.24
C MET B 228 -11.89 -15.94 -33.20
N MET B 229 -12.35 -16.90 -33.99
CA MET B 229 -11.57 -17.46 -35.11
C MET B 229 -10.23 -18.03 -34.70
N ASN B 230 -10.11 -18.49 -33.46
CA ASN B 230 -8.85 -19.07 -32.98
C ASN B 230 -7.64 -18.16 -33.15
N ALA B 231 -7.84 -16.84 -33.12
CA ALA B 231 -6.78 -15.92 -33.52
C ALA B 231 -5.52 -16.05 -32.68
N ARG B 232 -5.70 -16.28 -31.37
CA ARG B 232 -4.55 -16.44 -30.48
C ARG B 232 -3.68 -17.66 -30.84
N SER B 233 -4.31 -18.80 -31.11
CA SER B 233 -3.55 -20.00 -31.49
C SER B 233 -2.84 -19.80 -32.83
N LYS B 234 -3.35 -18.88 -33.64
CA LYS B 234 -2.75 -18.56 -34.94
C LYS B 234 -1.83 -17.35 -34.87
N ASN B 235 -1.74 -16.74 -33.69
CA ASN B 235 -1.00 -15.51 -33.46
C ASN B 235 -1.39 -14.41 -34.45
N VAL B 236 -2.69 -14.35 -34.76
CA VAL B 236 -3.24 -13.21 -35.48
C VAL B 236 -3.64 -12.17 -34.43
N GLY B 237 -2.72 -11.27 -34.12
CA GLY B 237 -2.93 -10.36 -33.01
C GLY B 237 -2.42 -8.95 -33.24
N TRP B 238 -2.55 -8.13 -32.19
CA TRP B 238 -2.11 -6.74 -32.20
C TRP B 238 -1.26 -6.46 -30.98
N ARG B 239 -0.29 -5.56 -31.11
CA ARG B 239 0.39 -5.04 -29.94
C ARG B 239 -0.31 -3.75 -29.50
N LEU B 240 -1.15 -3.86 -28.47
CA LEU B 240 -1.95 -2.74 -28.00
C LEU B 240 -1.47 -2.24 -26.65
N ASP B 241 -0.72 -3.08 -25.95
CA ASP B 241 -0.25 -2.81 -24.61
C ASP B 241 1.22 -2.47 -24.60
N TYR B 242 1.56 -1.35 -23.99
CA TYR B 242 2.90 -0.84 -23.94
C TYR B 242 3.39 -0.37 -22.59
N PHE B 243 4.68 -0.12 -22.55
CA PHE B 243 5.38 0.52 -21.48
C PHE B 243 6.13 1.66 -22.20
N LEU B 244 5.65 2.90 -22.11
CA LEU B 244 6.36 4.03 -22.68
C LEU B 244 7.16 4.75 -21.59
N LEU B 245 8.37 5.19 -21.92
CA LEU B 245 9.29 5.77 -20.93
C LEU B 245 9.86 7.10 -21.34
N SER B 246 10.12 7.96 -20.36
CA SER B 246 10.91 9.17 -20.58
C SER B 246 12.31 8.77 -21.05
N HIS B 247 12.89 9.55 -21.96
N HIS B 247 12.90 9.55 -21.95
CA HIS B 247 14.24 9.28 -22.46
CA HIS B 247 14.25 9.27 -22.46
C HIS B 247 15.22 9.16 -21.30
C HIS B 247 15.23 9.16 -21.30
N SER B 248 14.98 9.96 -20.26
CA SER B 248 15.81 9.97 -19.06
C SER B 248 15.91 8.59 -18.38
N LEU B 249 14.96 7.71 -18.66
CA LEU B 249 14.91 6.41 -18.03
C LEU B 249 15.52 5.30 -18.88
N LEU B 250 15.79 5.58 -20.14
CA LEU B 250 16.38 4.56 -21.02
C LEU B 250 17.67 3.90 -20.47
N PRO B 251 18.56 4.68 -19.82
CA PRO B 251 19.72 3.98 -19.22
C PRO B 251 19.34 3.02 -18.09
N ALA B 252 18.10 3.12 -17.58
CA ALA B 252 17.65 2.22 -16.53
C ALA B 252 16.91 1.02 -17.09
N LEU B 253 16.60 1.06 -18.38
CA LEU B 253 15.83 -0.01 -19.01
C LEU B 253 16.61 -1.32 -19.01
N CYS B 254 16.04 -2.37 -18.42
CA CYS B 254 16.66 -3.67 -18.46
C CYS B 254 15.99 -4.54 -19.51
N ASP B 255 14.67 -4.61 -19.46
CA ASP B 255 13.93 -5.35 -20.47
C ASP B 255 12.46 -4.97 -20.46
N SER B 256 11.77 -5.30 -21.54
CA SER B 256 10.35 -5.04 -21.67
C SER B 256 9.77 -6.31 -22.27
N LYS B 257 8.97 -7.04 -21.51
CA LYS B 257 8.56 -8.40 -21.89
C LYS B 257 7.13 -8.49 -22.39
N ILE B 258 6.87 -9.53 -23.19
CA ILE B 258 5.52 -9.87 -23.59
C ILE B 258 5.26 -11.31 -23.13
N ARG B 259 4.36 -11.48 -22.18
CA ARG B 259 4.14 -12.79 -21.57
C ARG B 259 3.08 -13.58 -22.33
N SER B 260 3.42 -14.02 -23.55
CA SER B 260 2.45 -14.59 -24.49
C SER B 260 1.65 -15.77 -23.96
N LYS B 261 2.25 -16.50 -23.03
CA LYS B 261 1.71 -17.79 -22.62
C LYS B 261 0.73 -17.69 -21.48
N ALA B 262 0.62 -16.51 -20.87
CA ALA B 262 -0.29 -16.35 -19.73
C ALA B 262 -1.74 -16.14 -20.17
N LEU B 263 -2.62 -17.03 -19.74
CA LEU B 263 -4.03 -16.98 -20.15
C LEU B 263 -4.90 -16.23 -19.17
N GLY B 264 -6.18 -16.06 -19.49
CA GLY B 264 -7.13 -15.42 -18.61
C GLY B 264 -7.85 -14.19 -19.17
N SER B 265 -7.48 -13.77 -20.38
CA SER B 265 -8.03 -12.56 -21.03
C SER B 265 -7.79 -12.67 -22.53
N ASP B 266 -8.35 -11.75 -23.32
CA ASP B 266 -7.91 -11.67 -24.72
C ASP B 266 -6.65 -10.81 -24.88
N HIS B 267 -6.20 -10.19 -23.79
CA HIS B 267 -4.86 -9.62 -23.73
C HIS B 267 -3.95 -10.50 -22.90
N CYS B 268 -2.65 -10.45 -23.20
CA CYS B 268 -1.65 -11.10 -22.36
C CYS B 268 -0.92 -10.02 -21.54
N PRO B 269 -0.31 -10.41 -20.41
CA PRO B 269 0.47 -9.46 -19.62
C PRO B 269 1.73 -8.98 -20.32
N ILE B 270 2.21 -7.81 -19.89
CA ILE B 270 3.52 -7.32 -20.28
C ILE B 270 4.28 -6.95 -19.00
N THR B 271 5.59 -7.07 -19.03
CA THR B 271 6.41 -6.83 -17.86
C THR B 271 7.61 -5.97 -18.17
N LEU B 272 7.87 -5.00 -17.30
CA LEU B 272 8.98 -4.09 -17.47
C LEU B 272 10.00 -4.33 -16.37
N TYR B 273 11.29 -4.38 -16.72
CA TYR B 273 12.33 -4.36 -15.68
C TYR B 273 13.12 -3.07 -15.76
N LEU B 274 13.26 -2.38 -14.64
CA LEU B 274 14.12 -1.21 -14.58
C LEU B 274 15.17 -1.34 -13.48
N ALA B 275 16.32 -0.73 -13.68
CA ALA B 275 17.35 -0.65 -12.65
C ALA B 275 17.38 0.75 -12.06
N LEU B 276 16.73 0.93 -10.91
CA LEU B 276 16.56 2.25 -10.34
C LEU B 276 17.31 2.41 -9.02
O5' 3DR C 1 0.92 13.11 21.19
P 3DR C 1 1.31 11.79 20.38
OP1 3DR C 1 0.63 10.61 21.04
OP2 3DR C 1 2.79 11.56 20.46
OP3 3DR C 1 0.80 12.00 18.97
C2' 3DR C 1 -0.54 13.95 25.00
C5' 3DR C 1 1.23 13.27 22.56
C4' 3DR C 1 0.50 14.47 23.02
O4' 3DR C 1 -1.08 14.13 22.74
C1' 3DR C 1 -1.69 14.07 23.91
C3' 3DR C 1 0.61 14.72 24.35
O3' 3DR C 1 0.36 16.14 24.60
C1 EDO F . 9.74 6.00 33.98
O1 EDO F . 11.17 6.04 33.90
C2 EDO F . 9.30 5.07 35.10
O2 EDO F . 9.69 5.62 36.37
MG MG G . 4.16 12.33 19.29
#